data_4IE4
#
_entry.id   4IE4
#
_cell.length_a   141.634
_cell.length_b   141.634
_cell.length_c   84.592
_cell.angle_alpha   90.000
_cell.angle_beta   90.000
_cell.angle_gamma   120.000
#
_symmetry.space_group_name_H-M   'H 3'
#
loop_
_entity.id
_entity.type
_entity.pdbx_description
1 polymer 'Alpha-ketoglutarate-dependent dioxygenase FTO'
2 non-polymer 'ZINC ION'
3 non-polymer GLYCEROL
4 non-polymer '8-hydroxyquinoline-5-carboxylic acid'
5 water water
#
_entity_poly.entity_id   1
_entity_poly.type   'polypeptide(L)'
_entity_poly.pdbx_seq_one_letter_code
;MGSSHHHHHHSSGLVPRGSHMTPKDDEFYQQWQLKYPKLILREASSVSEELHKEVQEAFLTLHKHGCLFRDLVRIQGKDL
LTPVSRILIGNPGCTYKYLNTRLFTVPWPVKGSNIKHTEAEIAAACETFLKLNDYLQIETIQALEELAAKEKANEDAVPL
CMSADFPRVGMGSSYNGQDEVDIKSRAAYNVTLLNFMDPQKMPYLKEEPYFGMGKMAVSWHHDENLVDRSAVAVYSYSCE
GPEEESEDDSHLEGRDPDIWHVGFKISWDIETPGLAIPLHQGDCYFMLDDLNATHQHCVLAGSQPRFSSTHRVAECSTGT
LDYILQRCQLALQNVCDDVDNDDVSLKSFEPAVLKQGEEIHNEVEFEWLRQFWFQGNRYRKCTDWWCQPMAQLEALWKKM
EGVTNAVLHEVKREGLPVEQRNEILTAILASLTARQNLRREWHARCQSRIARTLPADQKPECRPYWEKDDASMPLPFDLT
DIVSELRGQLLEAKP
;
_entity_poly.pdbx_strand_id   A
#
# COMPACT_ATOMS: atom_id res chain seq x y z
N ARG A 17 17.85 18.23 -27.50
CA ARG A 17 17.14 18.27 -26.22
C ARG A 17 16.50 16.92 -25.89
N GLY A 18 15.66 16.93 -24.87
CA GLY A 18 14.98 15.72 -24.41
C GLY A 18 13.64 15.59 -25.10
N SER A 19 13.50 14.53 -25.89
CA SER A 19 12.29 14.31 -26.66
C SER A 19 11.64 13.00 -26.26
N HIS A 20 10.50 12.70 -26.88
CA HIS A 20 9.92 11.37 -26.74
C HIS A 20 9.55 10.81 -28.12
N MET A 21 9.12 9.55 -28.13
CA MET A 21 8.74 8.84 -29.34
C MET A 21 7.40 8.13 -29.18
N THR A 22 6.63 8.12 -30.26
CA THR A 22 5.39 7.37 -30.31
C THR A 22 5.32 6.59 -31.64
N PRO A 23 4.27 5.78 -31.85
CA PRO A 23 4.14 5.00 -33.09
C PRO A 23 4.23 5.86 -34.35
N LYS A 24 4.15 7.18 -34.19
CA LYS A 24 4.39 8.07 -35.33
C LYS A 24 5.85 8.03 -35.78
N ASP A 25 6.76 7.92 -34.81
CA ASP A 25 8.19 7.88 -35.12
C ASP A 25 8.66 6.57 -35.75
N ASP A 26 9.46 6.68 -36.79
CA ASP A 26 10.05 5.50 -37.43
C ASP A 26 10.93 4.75 -36.45
N GLU A 27 11.69 5.48 -35.66
CA GLU A 27 12.58 4.89 -34.68
C GLU A 27 11.84 4.21 -33.53
N PHE A 28 10.57 4.56 -33.35
CA PHE A 28 9.80 4.16 -32.16
C PHE A 28 9.81 2.65 -31.88
N TYR A 29 9.53 1.86 -32.91
CA TYR A 29 9.48 0.41 -32.80
C TYR A 29 10.82 -0.27 -32.54
N GLN A 30 11.89 0.24 -33.14
CA GLN A 30 13.21 -0.31 -32.93
C GLN A 30 13.75 0.17 -31.59
N GLN A 31 13.42 1.40 -31.22
CA GLN A 31 13.69 1.89 -29.89
C GLN A 31 13.03 1.00 -28.82
N TRP A 32 11.79 0.60 -29.09
CA TRP A 32 11.07 -0.28 -28.19
C TRP A 32 11.82 -1.60 -28.00
N GLN A 33 11.99 -2.31 -29.11
CA GLN A 33 12.73 -3.57 -29.14
C GLN A 33 14.12 -3.51 -28.48
N LEU A 34 14.82 -2.41 -28.70
CA LEU A 34 16.23 -2.31 -28.34
C LEU A 34 16.41 -1.87 -26.89
N LYS A 35 15.47 -1.07 -26.39
CA LYS A 35 15.63 -0.40 -25.12
C LYS A 35 14.56 -0.74 -24.08
N TYR A 36 13.42 -1.26 -24.51
CA TYR A 36 12.31 -1.60 -23.60
C TYR A 36 11.69 -2.94 -24.01
N PRO A 37 12.54 -3.94 -24.28
CA PRO A 37 11.97 -5.21 -24.72
C PRO A 37 11.23 -5.97 -23.61
N LYS A 38 11.33 -5.52 -22.36
CA LYS A 38 10.62 -6.15 -21.24
C LYS A 38 9.28 -5.44 -20.95
N LEU A 39 8.89 -4.60 -21.89
CA LEU A 39 7.55 -4.02 -21.86
C LEU A 39 6.75 -4.61 -23.03
N ILE A 40 5.56 -5.10 -22.68
CA ILE A 40 4.74 -5.85 -23.61
C ILE A 40 3.39 -5.19 -23.79
N LEU A 41 2.84 -5.33 -24.98
CA LEU A 41 1.57 -4.72 -25.31
C LEU A 41 0.68 -5.81 -25.88
N ARG A 42 -0.54 -5.90 -25.36
CA ARG A 42 -1.53 -6.83 -25.89
C ARG A 42 -2.77 -6.01 -26.13
N GLU A 43 -3.07 -5.75 -27.39
CA GLU A 43 -4.12 -4.81 -27.76
C GLU A 43 -5.52 -5.31 -27.40
N ALA A 44 -6.49 -4.42 -27.39
CA ALA A 44 -7.85 -4.75 -27.01
C ALA A 44 -8.39 -5.94 -27.80
N SER A 45 -7.78 -6.21 -28.95
CA SER A 45 -8.21 -7.28 -29.83
C SER A 45 -7.95 -8.67 -29.23
N SER A 46 -6.93 -8.75 -28.38
CA SER A 46 -6.50 -10.01 -27.77
C SER A 46 -7.41 -10.46 -26.63
N VAL A 47 -8.39 -9.63 -26.28
CA VAL A 47 -9.27 -9.93 -25.14
C VAL A 47 -10.72 -10.13 -25.62
N SER A 48 -11.39 -11.15 -25.11
CA SER A 48 -12.75 -11.46 -25.57
C SER A 48 -13.71 -10.31 -25.26
N GLU A 49 -14.71 -10.13 -26.10
CA GLU A 49 -15.68 -9.06 -25.89
C GLU A 49 -16.42 -9.27 -24.57
N GLU A 50 -16.55 -10.53 -24.16
CA GLU A 50 -17.30 -10.85 -22.96
C GLU A 50 -16.57 -10.23 -21.78
N LEU A 51 -15.30 -10.58 -21.66
CA LEU A 51 -14.48 -10.07 -20.58
C LEU A 51 -14.42 -8.55 -20.61
N HIS A 52 -14.40 -7.96 -21.81
CA HIS A 52 -14.37 -6.50 -21.91
C HIS A 52 -15.59 -5.93 -21.22
N LYS A 53 -16.74 -6.52 -21.53
CA LYS A 53 -18.01 -6.05 -21.02
C LYS A 53 -18.04 -6.14 -19.49
N GLU A 54 -17.83 -7.33 -18.95
CA GLU A 54 -17.92 -7.54 -17.51
C GLU A 54 -16.96 -6.62 -16.73
N VAL A 55 -15.73 -6.49 -17.21
CA VAL A 55 -14.73 -5.62 -16.59
C VAL A 55 -15.12 -4.14 -16.64
N GLN A 56 -15.62 -3.69 -17.79
CA GLN A 56 -15.92 -2.27 -17.96
C GLN A 56 -17.08 -1.87 -17.06
N GLU A 57 -18.11 -2.70 -17.03
CA GLU A 57 -19.29 -2.46 -16.22
C GLU A 57 -18.94 -2.51 -14.73
N ALA A 58 -18.03 -3.42 -14.36
CA ALA A 58 -17.56 -3.52 -12.99
C ALA A 58 -16.91 -2.21 -12.51
N PHE A 59 -15.98 -1.66 -13.33
CA PHE A 59 -15.42 -0.33 -13.06
C PHE A 59 -16.54 0.69 -12.84
N LEU A 60 -17.45 0.79 -13.81
CA LEU A 60 -18.54 1.75 -13.71
C LEU A 60 -19.38 1.46 -12.47
N THR A 61 -19.40 0.20 -12.05
CA THR A 61 -20.22 -0.22 -10.94
C THR A 61 -19.63 0.32 -9.63
N LEU A 62 -18.33 0.22 -9.49
CA LEU A 62 -17.66 0.68 -8.27
C LEU A 62 -17.64 2.20 -8.23
N HIS A 63 -17.61 2.83 -9.41
CA HIS A 63 -17.72 4.28 -9.48
C HIS A 63 -19.06 4.72 -8.90
N LYS A 64 -20.15 4.26 -9.51
CA LYS A 64 -21.50 4.59 -9.06
C LYS A 64 -21.67 4.40 -7.55
N HIS A 65 -21.17 3.28 -7.03
CA HIS A 65 -21.27 2.99 -5.60
C HIS A 65 -20.34 3.86 -4.74
N GLY A 66 -19.50 4.68 -5.39
CA GLY A 66 -18.56 5.55 -4.70
C GLY A 66 -17.47 4.81 -3.94
N CYS A 67 -16.93 3.74 -4.54
CA CYS A 67 -15.93 2.90 -3.87
C CYS A 67 -14.47 3.35 -4.04
N LEU A 68 -14.24 4.51 -4.65
CA LEU A 68 -12.89 4.93 -5.07
C LEU A 68 -12.49 6.26 -4.46
N PHE A 69 -11.37 6.28 -3.76
CA PHE A 69 -10.96 7.48 -3.04
C PHE A 69 -9.57 7.91 -3.41
N ARG A 70 -9.38 9.22 -3.43
CA ARG A 70 -8.06 9.80 -3.54
C ARG A 70 -7.38 9.59 -2.18
N ASP A 71 -6.15 9.12 -2.19
CA ASP A 71 -5.47 8.81 -0.94
C ASP A 71 -4.70 10.00 -0.42
N LEU A 72 -4.71 10.12 0.90
CA LEU A 72 -3.91 11.11 1.60
C LEU A 72 -2.58 10.41 1.94
N VAL A 73 -1.60 10.73 1.12
CA VAL A 73 -0.37 10.01 1.01
C VAL A 73 0.74 10.90 1.54
N ARG A 74 1.94 10.36 1.64
CA ARG A 74 3.05 11.14 2.15
C ARG A 74 4.27 11.10 1.21
N ILE A 75 4.74 12.29 0.83
CA ILE A 75 5.86 12.40 -0.11
C ILE A 75 6.83 13.49 0.36
N GLN A 76 8.06 13.06 0.64
CA GLN A 76 9.15 13.93 1.12
C GLN A 76 8.76 14.88 2.25
N GLY A 77 7.98 14.38 3.20
CA GLY A 77 7.63 15.13 4.39
C GLY A 77 6.34 15.90 4.26
N LYS A 78 5.63 15.70 3.15
CA LYS A 78 4.46 16.52 2.78
C LYS A 78 3.20 15.70 2.50
N ASP A 79 2.09 16.13 3.10
CA ASP A 79 0.78 15.55 2.84
C ASP A 79 0.29 15.91 1.44
N LEU A 80 0.00 14.91 0.62
CA LEU A 80 -0.49 15.17 -0.74
C LEU A 80 -1.64 14.26 -1.10
N LEU A 81 -2.65 14.82 -1.76
CA LEU A 81 -3.82 14.06 -2.18
C LEU A 81 -3.64 13.61 -3.62
N THR A 82 -3.51 12.30 -3.81
CA THR A 82 -3.35 11.78 -5.16
C THR A 82 -4.48 12.34 -6.05
N PRO A 83 -4.10 12.92 -7.21
CA PRO A 83 -5.07 13.34 -8.23
C PRO A 83 -5.97 12.19 -8.62
N VAL A 84 -5.43 10.99 -8.50
CA VAL A 84 -6.09 9.78 -8.91
C VAL A 84 -6.97 9.24 -7.76
N SER A 85 -8.16 8.78 -8.10
CA SER A 85 -8.98 8.01 -7.16
C SER A 85 -8.63 6.52 -7.26
N ARG A 86 -8.62 5.81 -6.12
CA ARG A 86 -8.18 4.42 -6.10
C ARG A 86 -8.98 3.48 -5.22
N ILE A 87 -8.84 2.19 -5.50
CA ILE A 87 -9.28 1.16 -4.58
C ILE A 87 -8.44 -0.10 -4.74
N LEU A 88 -8.15 -0.79 -3.63
CA LEU A 88 -7.40 -2.04 -3.67
C LEU A 88 -8.33 -3.26 -3.53
N ILE A 89 -8.22 -4.17 -4.49
CA ILE A 89 -8.98 -5.42 -4.48
C ILE A 89 -7.96 -6.56 -4.50
N GLY A 90 -8.30 -7.72 -3.95
CA GLY A 90 -7.35 -8.82 -3.91
C GLY A 90 -7.60 -9.84 -2.82
N ASN A 91 -6.58 -10.61 -2.45
CA ASN A 91 -6.73 -11.67 -1.45
C ASN A 91 -7.07 -11.10 -0.09
N PRO A 92 -8.01 -11.75 0.61
CA PRO A 92 -8.42 -11.35 1.96
C PRO A 92 -7.24 -11.27 2.92
N GLY A 93 -7.22 -10.23 3.75
CA GLY A 93 -6.21 -10.10 4.78
C GLY A 93 -4.91 -9.49 4.27
N CYS A 94 -4.82 -9.33 2.96
CA CYS A 94 -3.62 -8.81 2.30
C CYS A 94 -3.62 -7.28 2.22
N THR A 95 -2.42 -6.71 2.13
CA THR A 95 -2.26 -5.25 2.09
C THR A 95 -1.15 -4.82 1.12
N TYR A 96 -1.22 -3.59 0.63
CA TYR A 96 -0.23 -3.07 -0.29
C TYR A 96 0.15 -1.70 0.21
N LYS A 97 1.44 -1.49 0.47
CA LYS A 97 1.90 -0.22 1.02
C LYS A 97 2.67 0.64 0.01
N TYR A 98 2.25 1.88 -0.16
CA TYR A 98 2.98 2.80 -1.02
C TYR A 98 2.84 4.21 -0.48
N LEU A 99 3.87 5.02 -0.73
CA LEU A 99 3.94 6.37 -0.18
C LEU A 99 3.45 6.43 1.28
N ASN A 100 3.93 5.48 2.08
CA ASN A 100 3.61 5.40 3.51
C ASN A 100 2.15 5.21 3.80
N THR A 101 1.41 4.61 2.88
CA THR A 101 -0.02 4.42 3.09
C THR A 101 -0.39 2.98 2.81
N ARG A 102 -0.90 2.31 3.84
CA ARG A 102 -1.19 0.91 3.72
C ARG A 102 -2.64 0.79 3.34
N LEU A 103 -2.85 0.36 2.10
CA LEU A 103 -4.19 0.07 1.60
C LEU A 103 -4.53 -1.36 1.90
N PHE A 104 -5.78 -1.58 2.32
CA PHE A 104 -6.27 -2.88 2.76
C PHE A 104 -7.20 -3.43 1.69
N THR A 105 -7.05 -4.71 1.35
CA THR A 105 -7.86 -5.27 0.25
C THR A 105 -9.34 -5.31 0.58
N VAL A 106 -10.16 -4.87 -0.38
CA VAL A 106 -11.52 -5.35 -0.49
C VAL A 106 -11.35 -6.74 -1.09
N PRO A 107 -11.85 -7.77 -0.39
CA PRO A 107 -11.58 -9.18 -0.70
C PRO A 107 -12.23 -9.64 -2.01
N TRP A 108 -11.54 -10.50 -2.75
CA TRP A 108 -12.13 -11.14 -3.93
C TRP A 108 -12.22 -12.65 -3.69
N PRO A 109 -13.18 -13.33 -4.35
CA PRO A 109 -13.51 -14.70 -3.94
C PRO A 109 -12.46 -15.74 -4.30
N VAL A 110 -11.28 -15.68 -3.67
CA VAL A 110 -10.33 -16.78 -3.77
C VAL A 110 -10.98 -18.01 -3.17
N LYS A 111 -10.49 -19.20 -3.52
CA LYS A 111 -11.06 -20.44 -3.00
C LYS A 111 -10.93 -20.54 -1.47
N GLY A 112 -11.80 -21.34 -0.86
CA GLY A 112 -11.83 -21.48 0.57
C GLY A 112 -12.13 -20.18 1.30
N SER A 113 -12.75 -19.23 0.59
CA SER A 113 -13.15 -17.96 1.18
C SER A 113 -14.67 -17.93 1.39
N ASN A 114 -15.10 -17.13 2.37
CA ASN A 114 -16.52 -16.99 2.67
C ASN A 114 -16.76 -15.95 3.76
N THR A 118 -18.84 -6.56 -0.19
CA THR A 118 -19.75 -7.24 0.71
C THR A 118 -21.19 -7.09 0.23
N GLU A 119 -21.44 -6.05 -0.57
CA GLU A 119 -22.77 -5.82 -1.12
C GLU A 119 -22.89 -6.41 -2.53
N ALA A 120 -24.07 -6.96 -2.83
CA ALA A 120 -24.34 -7.69 -4.09
C ALA A 120 -23.57 -7.22 -5.32
N GLU A 121 -23.86 -6.02 -5.81
CA GLU A 121 -23.20 -5.50 -7.01
C GLU A 121 -21.67 -5.38 -6.81
N ILE A 122 -21.27 -4.79 -5.69
CA ILE A 122 -19.86 -4.64 -5.38
C ILE A 122 -19.17 -6.01 -5.35
N ALA A 123 -19.86 -7.00 -4.80
CA ALA A 123 -19.31 -8.35 -4.73
C ALA A 123 -19.07 -8.85 -6.14
N ALA A 124 -20.04 -8.61 -7.00
CA ALA A 124 -19.96 -9.04 -8.39
C ALA A 124 -18.77 -8.42 -9.10
N ALA A 125 -18.51 -7.15 -8.78
CA ALA A 125 -17.38 -6.44 -9.38
C ALA A 125 -16.05 -7.05 -8.93
N CYS A 126 -15.95 -7.38 -7.65
CA CYS A 126 -14.71 -7.98 -7.16
C CYS A 126 -14.45 -9.31 -7.85
N GLU A 127 -15.49 -10.12 -7.99
CA GLU A 127 -15.34 -11.41 -8.61
C GLU A 127 -14.81 -11.23 -10.02
N THR A 128 -15.39 -10.26 -10.72
CA THR A 128 -14.94 -9.90 -12.06
C THR A 128 -13.43 -9.61 -12.08
N PHE A 129 -12.95 -8.74 -11.20
CA PHE A 129 -11.51 -8.41 -11.21
C PHE A 129 -10.61 -9.57 -10.81
N LEU A 130 -11.18 -10.53 -10.10
CA LEU A 130 -10.46 -11.78 -9.85
C LEU A 130 -10.32 -12.55 -11.16
N LYS A 131 -11.40 -12.61 -11.94
CA LYS A 131 -11.38 -13.32 -13.21
C LYS A 131 -10.30 -12.73 -14.12
N LEU A 132 -10.40 -11.42 -14.35
CA LEU A 132 -9.35 -10.67 -15.00
C LEU A 132 -7.96 -11.00 -14.43
N ASN A 133 -7.85 -11.12 -13.11
CA ASN A 133 -6.60 -11.57 -12.50
C ASN A 133 -6.14 -12.94 -13.00
N ASP A 134 -7.06 -13.92 -13.07
CA ASP A 134 -6.71 -15.24 -13.55
C ASP A 134 -6.09 -15.14 -14.94
N TYR A 135 -6.82 -14.47 -15.84
CA TYR A 135 -6.47 -14.42 -17.27
C TYR A 135 -5.15 -13.70 -17.51
N LEU A 136 -4.95 -12.58 -16.82
CA LEU A 136 -3.72 -11.80 -16.99
C LEU A 136 -2.53 -12.64 -16.52
N GLN A 137 -2.72 -13.37 -15.42
CA GLN A 137 -1.72 -14.28 -14.89
C GLN A 137 -1.29 -15.24 -15.98
N ILE A 138 -2.28 -15.85 -16.64
CA ILE A 138 -2.00 -16.73 -17.76
C ILE A 138 -1.19 -16.04 -18.89
N GLU A 139 -1.56 -14.80 -19.24
CA GLU A 139 -0.86 -14.06 -20.29
C GLU A 139 0.56 -13.77 -19.87
N THR A 140 0.75 -13.52 -18.57
CA THR A 140 2.01 -12.99 -18.05
C THR A 140 3.03 -14.11 -18.04
N ILE A 141 2.58 -15.28 -17.61
CA ILE A 141 3.37 -16.50 -17.64
C ILE A 141 3.76 -16.80 -19.09
N GLN A 142 2.81 -16.70 -20.01
CA GLN A 142 3.13 -16.97 -21.41
C GLN A 142 4.21 -16.04 -21.93
N ALA A 143 4.14 -14.76 -21.57
CA ALA A 143 5.11 -13.78 -22.04
C ALA A 143 6.51 -13.99 -21.46
N LEU A 144 6.58 -14.30 -20.17
CA LEU A 144 7.87 -14.54 -19.51
C LEU A 144 8.54 -15.80 -20.03
N GLU A 145 7.74 -16.78 -20.41
CA GLU A 145 8.28 -17.98 -21.05
C GLU A 145 8.86 -17.62 -22.42
N GLU A 146 8.10 -16.86 -23.20
CA GLU A 146 8.58 -16.37 -24.49
C GLU A 146 9.87 -15.60 -24.29
N LEU A 147 9.92 -14.85 -23.19
CA LEU A 147 11.03 -13.95 -22.89
C LEU A 147 12.31 -14.73 -22.66
N ALA A 148 12.21 -15.80 -21.87
CA ALA A 148 13.37 -16.64 -21.60
C ALA A 148 13.85 -17.39 -22.86
N ALA A 149 12.90 -17.88 -23.67
CA ALA A 149 13.23 -18.59 -24.91
C ALA A 149 13.92 -17.66 -25.90
N LYS A 150 13.62 -16.37 -25.82
CA LYS A 150 14.37 -15.37 -26.57
C LYS A 150 15.78 -15.25 -25.98
N GLU A 151 15.88 -15.19 -24.65
CA GLU A 151 17.16 -15.08 -23.98
C GLU A 151 17.87 -16.42 -23.85
N LYS A 152 17.25 -17.48 -24.38
CA LYS A 152 17.95 -18.76 -24.50
C LYS A 152 18.87 -18.79 -25.71
N ALA A 153 18.53 -18.02 -26.75
CA ALA A 153 19.37 -17.92 -27.95
C ALA A 153 20.49 -16.90 -27.76
N ASP A 179 13.78 -20.50 -13.58
CA ASP A 179 12.97 -21.69 -13.32
C ASP A 179 11.48 -21.42 -13.51
N GLU A 180 10.71 -22.50 -13.67
CA GLU A 180 9.26 -22.40 -13.84
C GLU A 180 8.62 -21.80 -12.59
N VAL A 181 9.22 -22.06 -11.43
CA VAL A 181 8.68 -21.60 -10.16
C VAL A 181 8.86 -20.10 -10.01
N ASP A 182 10.01 -19.60 -10.42
CA ASP A 182 10.25 -18.16 -10.38
C ASP A 182 9.26 -17.46 -11.28
N ILE A 183 9.06 -18.00 -12.48
CA ILE A 183 8.09 -17.47 -13.42
C ILE A 183 6.70 -17.44 -12.79
N LYS A 184 6.33 -18.52 -12.12
CA LYS A 184 5.00 -18.64 -11.50
C LYS A 184 4.79 -17.62 -10.38
N SER A 185 5.80 -17.42 -9.56
CA SER A 185 5.64 -16.59 -8.37
C SER A 185 5.67 -15.12 -8.75
N ARG A 186 6.41 -14.84 -9.82
CA ARG A 186 6.51 -13.50 -10.34
C ARG A 186 5.22 -13.04 -11.04
N ALA A 187 4.38 -14.00 -11.43
CA ALA A 187 3.06 -13.68 -12.02
C ALA A 187 1.87 -13.92 -11.06
N ALA A 188 2.13 -14.25 -9.80
CA ALA A 188 1.09 -14.67 -8.87
C ALA A 188 0.44 -13.47 -8.22
N TYR A 189 -0.25 -12.68 -9.05
CA TYR A 189 -0.87 -11.42 -8.61
C TYR A 189 -1.86 -11.68 -7.50
N ASN A 190 -1.53 -11.18 -6.31
CA ASN A 190 -2.44 -11.23 -5.17
C ASN A 190 -3.28 -9.95 -4.97
N VAL A 191 -3.19 -9.01 -5.91
CA VAL A 191 -3.88 -7.72 -5.79
C VAL A 191 -4.07 -7.04 -7.14
N THR A 192 -4.98 -6.07 -7.17
CA THR A 192 -5.04 -5.08 -8.23
C THR A 192 -5.35 -3.73 -7.62
N LEU A 193 -4.60 -2.71 -8.01
CA LEU A 193 -4.93 -1.35 -7.62
C LEU A 193 -5.72 -0.73 -8.79
N LEU A 194 -6.97 -0.43 -8.54
CA LEU A 194 -7.80 0.27 -9.50
C LEU A 194 -7.59 1.77 -9.39
N ASN A 195 -7.45 2.42 -10.53
CA ASN A 195 -7.35 3.87 -10.61
C ASN A 195 -8.46 4.47 -11.45
N PHE A 196 -8.85 5.70 -11.14
CA PHE A 196 -9.79 6.46 -11.97
C PHE A 196 -9.36 7.93 -12.02
N MET A 197 -9.53 8.58 -13.17
CA MET A 197 -9.42 10.02 -13.21
C MET A 197 -10.15 10.63 -14.37
N ASP A 198 -10.90 11.67 -14.06
CA ASP A 198 -11.60 12.44 -15.04
C ASP A 198 -10.83 13.75 -15.18
N PRO A 199 -10.03 13.89 -16.24
CA PRO A 199 -9.19 15.08 -16.38
C PRO A 199 -10.01 16.37 -16.33
N GLN A 200 -11.30 16.28 -16.58
CA GLN A 200 -12.17 17.46 -16.65
C GLN A 200 -12.59 17.93 -15.26
N LYS A 201 -12.63 17.01 -14.30
CA LYS A 201 -13.00 17.36 -12.92
C LYS A 201 -11.77 17.38 -12.02
N MET A 202 -10.66 16.81 -12.49
CA MET A 202 -9.37 16.89 -11.80
C MET A 202 -8.29 17.38 -12.76
N PRO A 203 -8.38 18.66 -13.19
CA PRO A 203 -7.44 19.24 -14.16
C PRO A 203 -6.20 19.87 -13.52
N TYR A 204 -5.97 19.61 -12.24
CA TYR A 204 -4.83 20.22 -11.56
C TYR A 204 -3.63 19.33 -11.75
N LEU A 205 -3.07 19.40 -12.95
CA LEU A 205 -2.06 18.45 -13.36
C LEU A 205 -0.73 19.12 -13.74
N LYS A 206 0.37 18.41 -13.47
CA LYS A 206 1.71 18.91 -13.73
C LYS A 206 2.22 18.52 -15.13
N GLU A 207 2.92 19.45 -15.77
CA GLU A 207 3.59 19.16 -17.04
C GLU A 207 4.75 18.15 -16.88
N GLU A 208 4.91 17.26 -17.85
CA GLU A 208 6.03 16.32 -17.88
C GLU A 208 7.34 17.08 -18.12
N PRO A 209 8.30 16.95 -17.19
CA PRO A 209 9.45 17.87 -17.16
C PRO A 209 10.68 17.52 -18.01
N TYR A 210 10.76 16.37 -18.68
CA TYR A 210 12.01 16.01 -19.35
C TYR A 210 11.89 15.78 -20.86
N PHE A 211 10.72 15.32 -21.31
CA PHE A 211 10.57 14.89 -22.68
C PHE A 211 9.48 15.66 -23.44
N GLY A 212 8.77 16.53 -22.72
CA GLY A 212 7.65 17.25 -23.30
C GLY A 212 6.43 16.39 -23.54
N MET A 213 6.24 15.35 -22.74
CA MET A 213 5.10 14.45 -22.92
C MET A 213 3.74 15.04 -22.44
N GLY A 214 3.76 16.23 -21.83
CA GLY A 214 2.54 16.94 -21.50
C GLY A 214 2.02 16.59 -20.12
N LYS A 215 0.69 16.62 -19.97
CA LYS A 215 0.07 16.54 -18.65
C LYS A 215 0.19 15.14 -18.05
N MET A 216 0.51 15.09 -16.76
CA MET A 216 0.75 13.85 -16.07
C MET A 216 -0.36 13.57 -15.04
N ALA A 217 -0.97 12.39 -15.13
CA ALA A 217 -1.90 11.93 -14.11
C ALA A 217 -1.12 11.33 -12.94
N VAL A 218 -0.07 10.59 -13.27
CA VAL A 218 0.82 9.97 -12.30
C VAL A 218 2.25 10.34 -12.69
N SER A 219 3.02 10.87 -11.75
CA SER A 219 4.39 11.32 -12.05
C SER A 219 5.39 10.17 -12.12
N TRP A 220 6.54 10.44 -12.73
CA TRP A 220 7.62 9.48 -12.85
C TRP A 220 7.84 8.81 -11.51
N HIS A 221 7.76 7.48 -11.49
CA HIS A 221 8.02 6.69 -10.28
C HIS A 221 8.44 5.24 -10.57
N HIS A 222 8.92 4.56 -9.54
CA HIS A 222 8.96 3.09 -9.54
C HIS A 222 7.76 2.64 -8.72
N ASP A 223 7.16 1.51 -9.09
CA ASP A 223 6.14 0.91 -8.23
C ASP A 223 6.82 0.29 -6.98
N GLU A 224 6.36 0.71 -5.81
CA GLU A 224 6.91 0.25 -4.55
C GLU A 224 6.29 -1.08 -4.13
N ASN A 225 6.96 -1.72 -3.17
CA ASN A 225 6.40 -2.86 -2.39
C ASN A 225 6.03 -4.07 -3.24
N LEU A 226 6.82 -4.35 -4.27
CA LEU A 226 6.55 -5.53 -5.10
C LEU A 226 7.55 -6.62 -4.83
N VAL A 227 7.14 -7.87 -4.98
CA VAL A 227 8.12 -8.96 -5.00
C VAL A 227 9.19 -8.63 -6.05
N ASP A 228 10.41 -9.13 -5.82
CA ASP A 228 11.50 -8.87 -6.76
C ASP A 228 11.29 -9.49 -8.11
N ARG A 229 11.47 -8.67 -9.15
CA ARG A 229 11.38 -9.10 -10.54
C ARG A 229 9.98 -9.61 -10.91
N SER A 230 9.00 -9.20 -10.11
CA SER A 230 7.61 -9.58 -10.34
C SER A 230 6.98 -8.68 -11.40
N ALA A 231 6.29 -9.29 -12.36
CA ALA A 231 5.58 -8.55 -13.39
C ALA A 231 4.41 -7.74 -12.81
N VAL A 232 3.94 -6.77 -13.59
CA VAL A 232 2.73 -6.00 -13.30
C VAL A 232 1.89 -5.99 -14.55
N ALA A 233 0.58 -6.25 -14.43
CA ALA A 233 -0.30 -6.21 -15.60
C ALA A 233 -1.34 -5.11 -15.49
N VAL A 234 -1.58 -4.43 -16.60
CA VAL A 234 -2.48 -3.30 -16.60
C VAL A 234 -3.52 -3.42 -17.70
N TYR A 235 -4.79 -3.46 -17.26
CA TYR A 235 -5.92 -3.39 -18.17
C TYR A 235 -6.37 -1.94 -18.19
N SER A 236 -6.51 -1.39 -19.39
CA SER A 236 -6.73 0.04 -19.53
C SER A 236 -8.10 0.31 -20.11
N TYR A 237 -8.82 1.25 -19.48
CA TYR A 237 -10.18 1.56 -19.89
C TYR A 237 -10.34 3.06 -20.08
N SER A 238 -10.14 3.53 -21.30
CA SER A 238 -10.44 4.91 -21.64
C SER A 238 -11.92 5.00 -21.98
N CYS A 239 -12.56 6.07 -21.54
CA CYS A 239 -13.94 6.31 -21.89
C CYS A 239 -13.95 7.24 -23.09
N GLU A 240 -14.22 6.68 -24.27
CA GLU A 240 -14.30 7.49 -25.49
C GLU A 240 -13.00 8.27 -25.69
N LEU A 252 0.76 16.10 -36.42
CA LEU A 252 1.30 16.99 -35.39
C LEU A 252 2.58 16.43 -34.77
N GLU A 253 3.16 17.17 -33.84
CA GLU A 253 4.47 16.83 -33.28
C GLU A 253 4.39 16.35 -31.82
N GLY A 254 4.70 15.08 -31.59
CA GLY A 254 4.68 14.53 -30.26
C GLY A 254 3.41 13.75 -29.97
N ARG A 255 3.12 13.52 -28.70
CA ARG A 255 2.05 12.61 -28.35
C ARG A 255 0.75 13.38 -28.42
N ASP A 256 -0.33 12.70 -28.78
CA ASP A 256 -1.65 13.31 -28.87
C ASP A 256 -2.20 13.56 -27.46
N PRO A 257 -2.42 14.84 -27.12
CA PRO A 257 -2.77 15.18 -25.74
C PRO A 257 -4.14 14.66 -25.35
N ASP A 258 -5.04 14.51 -26.30
CA ASP A 258 -6.38 13.98 -26.02
C ASP A 258 -6.38 12.51 -25.56
N ILE A 259 -5.32 11.78 -25.89
CA ILE A 259 -5.28 10.34 -25.62
C ILE A 259 -4.29 9.98 -24.52
N TRP A 260 -4.71 9.05 -23.66
CA TRP A 260 -3.91 8.59 -22.54
C TRP A 260 -2.69 7.79 -23.01
N HIS A 261 -1.58 7.95 -22.31
CA HIS A 261 -0.39 7.17 -22.60
C HIS A 261 0.23 6.66 -21.32
N VAL A 262 1.05 5.65 -21.46
CA VAL A 262 1.97 5.33 -20.40
C VAL A 262 3.32 5.80 -20.91
N GLY A 263 4.10 6.40 -20.02
CA GLY A 263 5.41 6.90 -20.36
C GLY A 263 6.45 6.02 -19.73
N PHE A 264 7.59 5.89 -20.39
CA PHE A 264 8.68 5.10 -19.86
C PHE A 264 9.98 5.81 -20.12
N LYS A 265 10.85 5.76 -19.13
CA LYS A 265 12.20 6.32 -19.26
C LYS A 265 13.16 5.43 -18.49
N ILE A 266 14.41 5.42 -18.91
CA ILE A 266 15.42 4.72 -18.17
C ILE A 266 15.81 5.52 -16.93
N SER A 267 16.05 4.81 -15.83
CA SER A 267 16.49 5.44 -14.58
C SER A 267 17.76 6.24 -14.81
N TRP A 268 17.84 7.41 -14.16
CA TRP A 268 18.97 8.34 -14.23
C TRP A 268 19.15 8.94 -15.61
N ASP A 269 18.28 8.59 -16.56
CA ASP A 269 18.53 8.93 -17.97
C ASP A 269 17.45 9.84 -18.59
N ILE A 270 17.84 11.05 -18.98
CA ILE A 270 16.96 11.96 -19.74
C ILE A 270 17.55 12.35 -21.10
N GLU A 271 18.71 11.77 -21.44
CA GLU A 271 19.31 11.99 -22.74
C GLU A 271 18.72 10.98 -23.73
N THR A 272 18.39 9.80 -23.23
CA THR A 272 17.72 8.78 -24.04
C THR A 272 16.23 9.06 -24.13
N PRO A 273 15.72 9.15 -25.37
CA PRO A 273 14.33 9.52 -25.56
C PRO A 273 13.39 8.58 -24.84
N GLY A 274 12.41 9.12 -24.14
CA GLY A 274 11.41 8.30 -23.48
C GLY A 274 10.40 7.76 -24.48
N LEU A 275 9.67 6.71 -24.10
CA LEU A 275 8.60 6.19 -24.93
C LEU A 275 7.25 6.59 -24.33
N ALA A 276 6.39 7.10 -25.19
CA ALA A 276 5.01 7.34 -24.80
C ALA A 276 4.12 6.41 -25.61
N ILE A 277 3.66 5.34 -24.96
CA ILE A 277 2.77 4.37 -25.57
C ILE A 277 1.30 4.83 -25.44
N PRO A 278 0.58 4.84 -26.58
CA PRO A 278 -0.84 5.20 -26.59
C PRO A 278 -1.73 4.09 -26.03
N LEU A 279 -2.61 4.45 -25.11
CA LEU A 279 -3.49 3.48 -24.49
C LEU A 279 -4.91 3.66 -25.00
N HIS A 280 -5.42 2.65 -25.70
CA HIS A 280 -6.79 2.73 -26.19
C HIS A 280 -7.66 1.81 -25.36
N GLN A 281 -8.96 1.95 -25.53
CA GLN A 281 -9.93 1.20 -24.74
C GLN A 281 -9.66 -0.30 -24.78
N GLY A 282 -9.44 -0.89 -23.62
CA GLY A 282 -9.31 -2.33 -23.49
C GLY A 282 -7.93 -2.87 -23.79
N ASP A 283 -6.97 -1.98 -24.05
CA ASP A 283 -5.59 -2.40 -24.31
C ASP A 283 -4.93 -2.80 -22.99
N CYS A 284 -4.13 -3.85 -23.05
CA CYS A 284 -3.35 -4.27 -21.89
C CYS A 284 -1.86 -4.12 -22.18
N TYR A 285 -1.08 -3.89 -21.14
CA TYR A 285 0.37 -3.93 -21.27
C TYR A 285 0.97 -4.51 -19.99
N PHE A 286 2.17 -5.09 -20.11
CA PHE A 286 2.80 -5.80 -19.03
C PHE A 286 4.22 -5.31 -18.80
N MET A 287 4.55 -4.99 -17.55
CA MET A 287 5.92 -4.73 -17.18
C MET A 287 6.53 -6.02 -16.67
N LEU A 288 7.56 -6.49 -17.34
CA LEU A 288 8.12 -7.81 -17.06
C LEU A 288 9.49 -7.73 -16.40
N ASP A 289 9.78 -8.78 -15.64
CA ASP A 289 11.07 -8.98 -14.98
C ASP A 289 11.57 -7.72 -14.23
N ASP A 290 12.77 -7.23 -14.58
CA ASP A 290 13.40 -6.09 -13.88
C ASP A 290 13.09 -4.71 -14.51
N LEU A 291 12.05 -4.61 -15.32
CA LEU A 291 11.70 -3.36 -16.01
C LEU A 291 11.34 -2.26 -15.04
N ASN A 292 10.63 -2.61 -13.96
CA ASN A 292 10.23 -1.62 -12.96
C ASN A 292 11.40 -1.16 -12.10
N ALA A 293 12.48 -1.93 -12.11
CA ALA A 293 13.64 -1.54 -11.31
C ALA A 293 14.55 -0.66 -12.16
N THR A 294 14.71 -1.04 -13.43
CA THR A 294 15.64 -0.40 -14.35
C THR A 294 15.10 0.88 -15.00
N HIS A 295 13.78 1.09 -14.92
CA HIS A 295 13.14 2.21 -15.60
C HIS A 295 12.13 2.83 -14.68
N GLN A 296 11.78 4.08 -14.97
CA GLN A 296 10.63 4.71 -14.34
C GLN A 296 9.50 4.77 -15.33
N HIS A 297 8.28 4.96 -14.83
CA HIS A 297 7.13 5.15 -15.69
C HIS A 297 6.18 6.21 -15.15
N CYS A 298 5.40 6.78 -16.05
CA CYS A 298 4.37 7.74 -15.67
C CYS A 298 3.11 7.48 -16.44
N VAL A 299 2.04 8.15 -16.06
CA VAL A 299 0.81 8.06 -16.82
C VAL A 299 0.50 9.47 -17.30
N LEU A 300 0.43 9.61 -18.61
CA LEU A 300 0.09 10.86 -19.25
C LEU A 300 -1.42 10.88 -19.48
N ALA A 301 -2.04 11.97 -19.05
CA ALA A 301 -3.49 12.11 -19.12
C ALA A 301 -4.00 12.59 -20.48
N GLY A 302 -5.03 11.91 -20.98
CA GLY A 302 -5.74 12.34 -22.17
C GLY A 302 -6.86 13.25 -21.73
N SER A 303 -7.88 13.45 -22.58
CA SER A 303 -8.93 14.42 -22.27
C SER A 303 -10.17 13.79 -21.66
N GLN A 304 -10.35 12.48 -21.85
CA GLN A 304 -11.53 11.81 -21.32
C GLN A 304 -11.20 11.07 -20.02
N PRO A 305 -12.23 10.80 -19.23
CA PRO A 305 -11.98 10.00 -18.03
C PRO A 305 -11.39 8.66 -18.43
N ARG A 306 -10.67 8.03 -17.49
CA ARG A 306 -10.17 6.66 -17.67
C ARG A 306 -9.99 5.90 -16.33
N PHE A 307 -10.33 4.61 -16.37
CA PHE A 307 -10.09 3.66 -15.29
C PHE A 307 -8.90 2.76 -15.66
N SER A 308 -8.34 2.07 -14.67
CA SER A 308 -7.37 1.01 -14.93
C SER A 308 -7.34 0.00 -13.80
N SER A 309 -6.93 -1.21 -14.14
CA SER A 309 -6.73 -2.28 -13.15
C SER A 309 -5.27 -2.66 -13.22
N THR A 310 -4.53 -2.43 -12.15
CA THR A 310 -3.09 -2.65 -12.19
C THR A 310 -2.68 -3.72 -11.18
N HIS A 311 -2.63 -4.95 -11.67
CA HIS A 311 -2.40 -6.14 -10.87
C HIS A 311 -0.93 -6.32 -10.55
N ARG A 312 -0.68 -6.60 -9.28
CA ARG A 312 0.66 -6.65 -8.73
C ARG A 312 0.87 -7.88 -7.87
N VAL A 313 2.14 -8.28 -7.71
CA VAL A 313 2.51 -9.24 -6.70
C VAL A 313 3.04 -8.45 -5.54
N ALA A 314 2.14 -8.10 -4.64
CA ALA A 314 2.50 -7.40 -3.43
C ALA A 314 3.42 -8.26 -2.59
N GLU A 315 4.53 -7.67 -2.16
CA GLU A 315 5.47 -8.30 -1.26
C GLU A 315 4.94 -8.10 0.17
N CYS A 316 4.13 -9.05 0.61
CA CYS A 316 3.40 -8.94 1.86
C CYS A 316 3.93 -9.91 2.92
N SER A 317 5.25 -9.96 3.10
CA SER A 317 5.81 -10.88 4.10
C SER A 317 5.47 -10.41 5.52
N THR A 318 5.33 -9.10 5.70
CA THR A 318 4.91 -8.49 6.96
C THR A 318 3.62 -7.73 6.71
N GLY A 319 2.87 -8.13 5.68
CA GLY A 319 1.77 -7.34 5.18
C GLY A 319 0.43 -8.03 5.09
N THR A 320 0.18 -8.98 5.97
CA THR A 320 -1.09 -9.70 5.97
C THR A 320 -1.69 -9.81 7.38
N LEU A 321 -3.02 -9.93 7.43
CA LEU A 321 -3.71 -10.13 8.68
C LEU A 321 -3.07 -11.29 9.40
N ASP A 322 -2.98 -12.45 8.75
CA ASP A 322 -2.43 -13.65 9.37
C ASP A 322 -1.08 -13.38 10.01
N TYR A 323 -0.23 -12.68 9.29
CA TYR A 323 1.12 -12.41 9.77
C TYR A 323 1.11 -11.56 11.03
N ILE A 324 0.31 -10.50 11.05
CA ILE A 324 0.32 -9.57 12.18
C ILE A 324 -0.35 -10.21 13.41
N LEU A 325 -1.51 -10.86 13.23
CA LEU A 325 -2.11 -11.67 14.32
C LEU A 325 -1.11 -12.64 14.94
N GLN A 326 -0.36 -13.36 14.12
CA GLN A 326 0.67 -14.24 14.65
C GLN A 326 1.70 -13.47 15.50
N ARG A 327 2.18 -12.32 15.00
CA ARG A 327 3.08 -11.46 15.77
C ARG A 327 2.51 -11.02 17.14
N CYS A 328 1.22 -10.69 17.18
CA CYS A 328 0.60 -10.28 18.44
C CYS A 328 0.62 -11.44 19.43
N GLN A 329 0.21 -12.62 18.95
CA GLN A 329 0.34 -13.88 19.69
C GLN A 329 1.77 -14.08 20.28
N LEU A 330 2.80 -13.86 19.48
CA LEU A 330 4.16 -14.04 19.98
C LEU A 330 4.45 -13.09 21.15
N ALA A 331 4.12 -11.82 21.00
CA ALA A 331 4.33 -10.85 22.05
C ALA A 331 3.63 -11.29 23.33
N LEU A 332 2.40 -11.78 23.17
CA LEU A 332 1.55 -12.10 24.32
C LEU A 332 1.89 -13.44 24.98
N GLN A 333 2.71 -14.25 24.30
CA GLN A 333 3.38 -15.35 24.98
C GLN A 333 4.07 -14.95 26.29
N ASN A 334 4.59 -13.72 26.38
CA ASN A 334 5.19 -13.24 27.64
C ASN A 334 4.13 -12.83 28.69
N VAL A 335 2.84 -13.02 28.38
CA VAL A 335 1.79 -12.67 29.34
C VAL A 335 1.05 -13.88 29.94
N CYS A 336 0.85 -13.85 31.26
CA CYS A 336 0.01 -14.83 31.94
C CYS A 336 -1.42 -14.67 31.43
N ASP A 337 -1.94 -15.70 30.76
CA ASP A 337 -3.20 -15.56 30.03
C ASP A 337 -4.38 -16.38 30.57
N ASP A 338 -4.42 -16.62 31.88
CA ASP A 338 -5.51 -17.40 32.46
C ASP A 338 -6.83 -16.70 32.21
N VAL A 339 -6.85 -15.40 32.53
CA VAL A 339 -8.07 -14.59 32.42
C VAL A 339 -7.73 -13.23 31.80
N ASP A 340 -8.74 -12.54 31.28
CA ASP A 340 -8.54 -11.25 30.63
C ASP A 340 -9.02 -10.14 31.53
N ASN A 341 -8.06 -9.44 32.12
CA ASN A 341 -8.34 -8.30 32.97
C ASN A 341 -7.13 -7.39 32.96
N ASP A 342 -7.21 -6.27 33.67
CA ASP A 342 -6.25 -5.19 33.52
C ASP A 342 -5.04 -5.33 34.43
N ASP A 343 -4.91 -6.48 35.07
CA ASP A 343 -3.79 -6.73 35.97
C ASP A 343 -2.76 -7.63 35.30
N VAL A 344 -1.98 -7.04 34.40
CA VAL A 344 -1.09 -7.77 33.52
C VAL A 344 0.21 -8.18 34.20
N SER A 345 0.42 -9.50 34.33
CA SER A 345 1.66 -10.03 34.89
C SER A 345 2.47 -10.75 33.81
N LEU A 346 3.77 -10.56 33.84
CA LEU A 346 4.62 -11.05 32.79
C LEU A 346 5.53 -12.16 33.31
N LYS A 347 5.84 -13.10 32.43
CA LYS A 347 6.60 -14.29 32.77
C LYS A 347 8.08 -13.99 32.92
N SER A 348 8.62 -13.19 32.01
CA SER A 348 10.04 -12.87 32.03
C SER A 348 10.32 -11.41 31.73
N PHE A 349 11.35 -10.88 32.39
CA PHE A 349 11.80 -9.55 32.06
C PHE A 349 13.18 -9.59 31.39
N GLU A 350 13.50 -10.70 30.73
CA GLU A 350 14.74 -10.80 29.99
C GLU A 350 14.73 -9.84 28.82
N PRO A 351 15.76 -8.99 28.72
CA PRO A 351 15.78 -7.95 27.67
C PRO A 351 15.28 -8.40 26.30
N ALA A 352 15.84 -9.44 25.71
CA ALA A 352 15.44 -9.84 24.36
C ALA A 352 13.90 -9.84 24.22
N VAL A 353 13.22 -10.42 25.20
CA VAL A 353 11.78 -10.63 25.17
C VAL A 353 10.96 -9.34 25.30
N LEU A 354 11.40 -8.45 26.18
CA LEU A 354 10.70 -7.19 26.39
C LEU A 354 10.86 -6.24 25.18
N LYS A 355 12.07 -6.16 24.63
CA LYS A 355 12.38 -5.40 23.42
C LYS A 355 11.44 -5.82 22.32
N GLN A 356 11.43 -7.14 22.06
CA GLN A 356 10.57 -7.74 21.05
C GLN A 356 9.07 -7.46 21.31
N GLY A 357 8.64 -7.50 22.56
CA GLY A 357 7.26 -7.24 22.89
C GLY A 357 6.87 -5.78 22.59
N GLU A 358 7.80 -4.88 22.83
CA GLU A 358 7.56 -3.47 22.59
C GLU A 358 7.61 -3.12 21.10
N GLU A 359 8.42 -3.85 20.35
CA GLU A 359 8.51 -3.66 18.93
C GLU A 359 7.25 -4.15 18.23
N ILE A 360 6.72 -5.28 18.68
CA ILE A 360 5.45 -5.78 18.15
C ILE A 360 4.33 -4.80 18.52
N HIS A 361 4.37 -4.27 19.74
CA HIS A 361 3.45 -3.21 20.17
C HIS A 361 3.42 -2.09 19.14
N ASN A 362 4.60 -1.60 18.75
CA ASN A 362 4.69 -0.55 17.73
C ASN A 362 4.17 -1.00 16.37
N GLU A 363 4.50 -2.23 15.99
CA GLU A 363 4.22 -2.67 14.63
C GLU A 363 2.70 -2.77 14.40
N VAL A 364 1.97 -3.20 15.44
CA VAL A 364 0.52 -3.28 15.32
C VAL A 364 -0.13 -1.91 15.51
N GLU A 365 0.40 -1.07 16.39
CA GLU A 365 -0.18 0.26 16.56
C GLU A 365 -0.18 1.07 15.26
N PHE A 366 1.00 1.21 14.66
CA PHE A 366 1.24 2.20 13.60
C PHE A 366 1.06 1.66 12.18
N GLU A 367 1.52 0.44 11.96
CA GLU A 367 1.48 -0.15 10.62
C GLU A 367 0.13 -0.77 10.33
N TRP A 368 -0.67 -0.98 11.38
CA TRP A 368 -1.98 -1.60 11.22
C TRP A 368 -3.10 -0.69 11.74
N LEU A 369 -3.17 -0.42 13.05
CA LEU A 369 -4.28 0.34 13.58
C LEU A 369 -4.35 1.77 13.03
N ARG A 370 -3.27 2.54 13.16
CA ARG A 370 -3.30 3.95 12.75
C ARG A 370 -3.50 4.11 11.23
N GLN A 371 -2.84 3.26 10.46
CA GLN A 371 -2.99 3.25 9.01
C GLN A 371 -4.45 2.97 8.63
N PHE A 372 -5.08 2.03 9.32
CA PHE A 372 -6.45 1.67 8.99
C PHE A 372 -7.39 2.84 9.26
N TRP A 373 -7.24 3.44 10.43
CA TRP A 373 -8.16 4.49 10.85
C TRP A 373 -7.84 5.87 10.26
N PHE A 374 -6.64 6.02 9.72
CA PHE A 374 -6.29 7.30 9.10
C PHE A 374 -7.04 7.48 7.81
N GLN A 375 -7.35 6.37 7.16
CA GLN A 375 -8.13 6.41 5.95
C GLN A 375 -9.62 6.63 6.28
N GLY A 376 -9.93 6.64 7.58
CA GLY A 376 -11.28 6.93 8.04
C GLY A 376 -12.25 5.79 7.75
N ASN A 377 -11.71 4.59 7.55
CA ASN A 377 -12.54 3.42 7.35
C ASN A 377 -13.40 3.54 6.09
N ARG A 378 -12.81 4.04 5.00
CA ARG A 378 -13.56 4.22 3.75
C ARG A 378 -14.14 2.88 3.32
N TYR A 379 -13.40 1.83 3.62
CA TYR A 379 -13.72 0.47 3.18
C TYR A 379 -15.08 0.01 3.67
N ARG A 380 -15.56 0.55 4.79
CA ARG A 380 -16.88 0.20 5.30
C ARG A 380 -17.89 0.22 4.14
N LYS A 381 -17.73 1.20 3.26
CA LYS A 381 -18.62 1.38 2.12
C LYS A 381 -18.63 0.15 1.21
N CYS A 382 -17.49 -0.53 1.13
CA CYS A 382 -17.34 -1.66 0.23
C CYS A 382 -17.46 -3.03 0.93
N THR A 383 -16.93 -3.12 2.15
CA THR A 383 -16.91 -4.39 2.86
C THR A 383 -16.80 -4.21 4.37
N ASP A 384 -17.10 -5.29 5.10
CA ASP A 384 -17.01 -5.29 6.54
C ASP A 384 -15.86 -6.20 6.96
N TRP A 385 -15.13 -6.72 5.97
CA TRP A 385 -14.14 -7.76 6.19
C TRP A 385 -13.18 -7.43 7.35
N TRP A 386 -12.79 -6.16 7.44
CA TRP A 386 -11.71 -5.73 8.32
C TRP A 386 -12.21 -5.22 9.67
N CYS A 387 -13.52 -5.03 9.79
CA CYS A 387 -14.14 -4.52 11.02
CA CYS A 387 -14.14 -4.52 11.02
C CYS A 387 -13.82 -5.38 12.24
N GLN A 388 -14.08 -6.68 12.12
CA GLN A 388 -13.83 -7.56 13.24
C GLN A 388 -12.33 -7.76 13.45
N PRO A 389 -11.56 -7.96 12.38
CA PRO A 389 -10.11 -8.09 12.58
C PRO A 389 -9.42 -6.86 13.22
N MET A 390 -9.92 -5.65 12.95
CA MET A 390 -9.35 -4.46 13.54
C MET A 390 -9.82 -4.24 15.00
N ALA A 391 -10.99 -4.78 15.35
CA ALA A 391 -11.40 -4.77 16.75
C ALA A 391 -10.50 -5.73 17.50
N GLN A 392 -10.17 -6.83 16.83
CA GLN A 392 -9.34 -7.85 17.44
C GLN A 392 -7.89 -7.34 17.57
N LEU A 393 -7.43 -6.58 16.59
CA LEU A 393 -6.07 -6.09 16.61
C LEU A 393 -5.93 -4.98 17.62
N GLU A 394 -6.98 -4.20 17.81
CA GLU A 394 -7.00 -3.18 18.85
C GLU A 394 -7.11 -3.80 20.23
N ALA A 395 -7.94 -4.82 20.38
CA ALA A 395 -8.05 -5.47 21.68
C ALA A 395 -6.69 -6.02 22.08
N LEU A 396 -6.05 -6.70 21.13
CA LEU A 396 -4.71 -7.24 21.34
C LEU A 396 -3.70 -6.13 21.71
N TRP A 397 -3.77 -5.02 20.98
CA TRP A 397 -2.89 -3.88 21.24
C TRP A 397 -3.13 -3.28 22.61
N LYS A 398 -4.40 -3.19 23.01
CA LYS A 398 -4.77 -2.64 24.31
C LYS A 398 -4.12 -3.46 25.43
N LYS A 399 -4.08 -4.76 25.24
CA LYS A 399 -3.43 -5.66 26.18
C LYS A 399 -1.92 -5.37 26.23
N MET A 400 -1.35 -5.00 25.09
CA MET A 400 0.08 -4.67 25.04
C MET A 400 0.38 -3.36 25.80
N GLU A 401 -0.63 -2.50 25.93
CA GLU A 401 -0.49 -1.28 26.71
C GLU A 401 -0.34 -1.65 28.19
N GLY A 402 -1.05 -2.68 28.64
CA GLY A 402 -0.85 -3.21 29.99
C GLY A 402 0.53 -3.84 30.19
N VAL A 403 1.14 -4.31 29.11
CA VAL A 403 2.47 -4.91 29.17
C VAL A 403 3.57 -3.85 29.32
N THR A 404 3.57 -2.85 28.44
CA THR A 404 4.52 -1.75 28.60
C THR A 404 4.45 -1.25 30.03
N ASN A 405 3.23 -1.21 30.56
CA ASN A 405 2.99 -0.64 31.87
C ASN A 405 3.51 -1.50 33.01
N ALA A 406 3.40 -2.82 32.88
CA ALA A 406 3.93 -3.71 33.90
C ALA A 406 5.44 -3.71 33.80
N VAL A 407 5.97 -3.53 32.59
CA VAL A 407 7.39 -3.33 32.45
C VAL A 407 7.79 -2.08 33.21
N LEU A 408 7.04 -0.99 33.04
CA LEU A 408 7.38 0.28 33.71
C LEU A 408 7.26 0.17 35.23
N HIS A 409 6.30 -0.65 35.68
CA HIS A 409 6.08 -0.91 37.10
C HIS A 409 7.30 -1.65 37.63
N GLU A 410 7.72 -2.69 36.91
CA GLU A 410 8.86 -3.51 37.33
C GLU A 410 10.12 -2.67 37.48
N VAL A 411 10.39 -1.80 36.52
CA VAL A 411 11.58 -0.94 36.53
C VAL A 411 11.68 -0.05 37.78
N LYS A 412 10.55 0.32 38.37
CA LYS A 412 10.53 1.13 39.58
C LYS A 412 10.60 0.28 40.85
N ARG A 413 10.16 -0.97 40.76
CA ARG A 413 10.08 -1.87 41.92
C ARG A 413 11.29 -1.79 42.84
N GLU A 414 11.01 -1.63 44.13
CA GLU A 414 12.02 -1.30 45.14
C GLU A 414 13.30 -2.13 45.02
N GLY A 415 13.18 -3.45 45.19
CA GLY A 415 14.34 -4.32 45.28
C GLY A 415 14.78 -4.91 43.95
N LEU A 416 15.02 -4.05 42.97
CA LEU A 416 15.46 -4.49 41.66
C LEU A 416 16.84 -3.90 41.38
N PRO A 417 17.88 -4.76 41.30
CA PRO A 417 19.26 -4.32 41.10
C PRO A 417 19.48 -3.48 39.83
N VAL A 418 20.15 -2.35 40.04
CA VAL A 418 20.29 -1.32 39.01
C VAL A 418 20.90 -1.87 37.74
N GLU A 419 21.73 -2.90 37.86
CA GLU A 419 22.34 -3.51 36.68
C GLU A 419 21.30 -4.07 35.73
N GLN A 420 20.36 -4.83 36.29
CA GLN A 420 19.34 -5.47 35.47
C GLN A 420 18.24 -4.48 35.06
N ARG A 421 18.02 -3.47 35.90
CA ARG A 421 17.13 -2.38 35.54
C ARG A 421 17.64 -1.76 34.25
N ASN A 422 18.81 -1.13 34.36
CA ASN A 422 19.52 -0.63 33.19
C ASN A 422 19.50 -1.57 31.99
N GLU A 423 19.56 -2.87 32.25
CA GLU A 423 19.31 -3.83 31.19
C GLU A 423 17.92 -3.60 30.51
N ILE A 424 16.87 -3.55 31.34
CA ILE A 424 15.51 -3.39 30.83
C ILE A 424 15.37 -2.14 30.00
N LEU A 425 15.88 -1.03 30.54
CA LEU A 425 15.80 0.26 29.88
C LEU A 425 16.47 0.23 28.53
N THR A 426 17.70 -0.28 28.49
CA THR A 426 18.46 -0.36 27.25
C THR A 426 17.72 -1.18 26.20
N ALA A 427 17.03 -2.22 26.64
CA ALA A 427 16.24 -3.07 25.76
C ALA A 427 15.04 -2.34 25.15
N ILE A 428 14.33 -1.57 25.97
CA ILE A 428 13.08 -0.94 25.52
C ILE A 428 13.15 0.52 25.07
N LEU A 429 14.25 1.22 25.35
CA LEU A 429 14.28 2.67 25.18
C LEU A 429 13.97 3.07 23.75
N ALA A 430 14.67 2.45 22.80
CA ALA A 430 14.50 2.74 21.39
C ALA A 430 13.04 2.59 21.00
N SER A 431 12.42 1.49 21.40
CA SER A 431 11.01 1.26 21.10
C SER A 431 10.13 2.40 21.58
N LEU A 432 10.24 2.77 22.86
CA LEU A 432 9.34 3.76 23.44
C LEU A 432 9.52 5.13 22.81
N THR A 433 10.75 5.50 22.47
CA THR A 433 10.98 6.80 21.85
C THR A 433 10.48 6.79 20.39
N ALA A 434 10.51 5.62 19.75
CA ALA A 434 9.91 5.46 18.44
C ALA A 434 8.38 5.54 18.50
N ARG A 435 7.83 5.09 19.64
CA ARG A 435 6.40 5.13 19.86
C ARG A 435 5.94 6.56 20.06
N GLN A 436 6.73 7.36 20.79
CA GLN A 436 6.35 8.74 21.05
C GLN A 436 6.48 9.63 19.81
N ASN A 437 7.54 9.43 19.05
CA ASN A 437 7.74 10.13 17.78
C ASN A 437 6.68 9.78 16.71
N LEU A 438 6.32 8.50 16.63
CA LEU A 438 5.30 8.08 15.68
C LEU A 438 3.90 8.52 16.09
N ARG A 439 3.63 8.59 17.38
CA ARG A 439 2.36 9.15 17.83
C ARG A 439 2.24 10.63 17.47
N ARG A 440 3.22 11.44 17.83
CA ARG A 440 3.17 12.84 17.43
C ARG A 440 2.88 12.96 15.93
N GLU A 441 3.67 12.25 15.13
CA GLU A 441 3.55 12.30 13.66
C GLU A 441 2.14 11.98 13.12
N TRP A 442 1.60 10.84 13.53
CA TRP A 442 0.30 10.37 13.06
C TRP A 442 -0.81 11.32 13.48
N HIS A 443 -0.72 11.87 14.69
CA HIS A 443 -1.69 12.88 15.14
C HIS A 443 -1.66 14.10 14.22
N ALA A 444 -0.44 14.57 13.92
CA ALA A 444 -0.24 15.70 13.02
C ALA A 444 -0.67 15.37 11.61
N ARG A 445 -0.56 14.10 11.23
CA ARG A 445 -0.94 13.68 9.87
C ARG A 445 -2.47 13.63 9.82
N CYS A 446 -3.08 13.36 10.97
CA CYS A 446 -4.52 13.31 11.07
C CYS A 446 -5.16 14.70 11.07
N GLN A 447 -4.50 15.68 11.68
CA GLN A 447 -5.09 17.03 11.77
C GLN A 447 -4.72 18.07 10.69
N SER A 448 -3.85 17.76 9.75
CA SER A 448 -3.37 18.79 8.80
C SER A 448 -4.53 19.34 7.97
N ARG A 449 -4.33 20.53 7.38
CA ARG A 449 -5.44 21.23 6.73
C ARG A 449 -6.03 20.40 5.59
N ILE A 450 -5.18 19.73 4.81
CA ILE A 450 -5.67 18.97 3.66
C ILE A 450 -6.63 17.86 4.09
N ALA A 451 -6.36 17.27 5.26
CA ALA A 451 -7.23 16.24 5.84
C ALA A 451 -8.62 16.78 6.15
N ARG A 452 -8.69 17.80 6.99
CA ARG A 452 -9.95 18.42 7.39
C ARG A 452 -10.87 18.80 6.22
N THR A 453 -10.32 18.93 5.01
CA THR A 453 -11.13 19.27 3.84
C THR A 453 -11.82 18.05 3.23
N LEU A 454 -11.53 16.86 3.76
CA LEU A 454 -12.12 15.62 3.25
C LEU A 454 -13.56 15.44 3.74
N PRO A 455 -14.41 14.81 2.92
CA PRO A 455 -15.80 14.58 3.36
C PRO A 455 -15.84 13.75 4.63
N ALA A 456 -16.92 13.90 5.41
CA ALA A 456 -17.04 13.22 6.70
C ALA A 456 -16.93 11.70 6.60
N ASP A 457 -17.05 11.15 5.40
CA ASP A 457 -16.97 9.69 5.21
C ASP A 457 -15.55 9.23 4.95
N GLN A 458 -14.63 10.18 4.81
CA GLN A 458 -13.22 9.86 4.62
C GLN A 458 -12.36 10.58 5.64
N LYS A 459 -12.96 11.48 6.40
CA LYS A 459 -12.24 12.18 7.45
C LYS A 459 -11.37 11.17 8.22
N PRO A 460 -10.06 11.43 8.29
CA PRO A 460 -9.18 10.63 9.13
C PRO A 460 -9.68 10.53 10.56
N GLU A 461 -9.24 9.48 11.23
CA GLU A 461 -9.66 9.17 12.59
C GLU A 461 -8.41 8.79 13.35
N CYS A 462 -7.91 9.69 14.19
CA CYS A 462 -6.73 9.40 14.98
C CYS A 462 -7.18 8.49 16.09
N ARG A 463 -6.78 7.23 15.98
CA ARG A 463 -7.31 6.15 16.80
C ARG A 463 -6.30 4.97 16.80
N PRO A 464 -6.00 4.42 17.99
CA PRO A 464 -6.59 4.79 19.28
C PRO A 464 -6.02 6.09 19.86
N TYR A 465 -6.88 6.83 20.55
CA TYR A 465 -6.51 8.10 21.16
C TYR A 465 -7.37 8.33 22.39
N TRP A 466 -6.72 8.60 23.53
CA TRP A 466 -7.43 8.81 24.79
C TRP A 466 -6.88 10.04 25.51
N GLU A 467 -7.74 10.71 26.27
CA GLU A 467 -7.31 11.87 27.04
C GLU A 467 -6.82 11.39 28.40
N LYS A 468 -5.88 12.13 28.99
CA LYS A 468 -5.29 11.75 30.27
C LYS A 468 -6.33 11.68 31.38
N ASP A 469 -7.51 12.25 31.13
CA ASP A 469 -8.61 12.14 32.07
C ASP A 469 -9.41 10.87 31.76
N ASP A 470 -8.71 9.80 31.41
CA ASP A 470 -9.36 8.54 31.05
C ASP A 470 -8.79 7.33 31.80
N ALA A 471 -9.55 6.86 32.79
CA ALA A 471 -9.11 5.76 33.63
C ALA A 471 -9.14 4.42 32.92
N SER A 472 -9.55 4.41 31.65
CA SER A 472 -9.61 3.15 30.92
C SER A 472 -8.23 2.70 30.45
N MET A 473 -7.34 3.65 30.21
CA MET A 473 -6.01 3.37 29.70
C MET A 473 -4.96 3.58 30.79
N PRO A 474 -4.10 2.59 31.01
CA PRO A 474 -3.10 2.60 32.08
C PRO A 474 -1.90 3.52 31.86
N LEU A 475 -1.83 4.17 30.71
CA LEU A 475 -0.67 4.98 30.37
C LEU A 475 -1.07 6.17 29.53
N PRO A 476 -0.42 7.32 29.74
CA PRO A 476 -0.83 8.46 28.92
C PRO A 476 -0.52 8.20 27.46
N PHE A 477 -1.32 8.79 26.56
CA PHE A 477 -1.05 8.74 25.14
C PHE A 477 0.26 9.48 24.81
N ASP A 478 0.61 10.47 25.63
CA ASP A 478 1.84 11.21 25.43
C ASP A 478 2.92 10.66 26.37
N LEU A 479 4.03 10.21 25.79
CA LEU A 479 5.07 9.53 26.56
C LEU A 479 6.29 10.42 26.84
N THR A 480 6.22 11.68 26.46
CA THR A 480 7.34 12.59 26.63
C THR A 480 7.90 12.47 28.04
N ASP A 481 7.02 12.62 29.03
CA ASP A 481 7.43 12.51 30.42
C ASP A 481 8.12 11.18 30.71
N ILE A 482 7.44 10.08 30.42
CA ILE A 482 7.98 8.77 30.77
C ILE A 482 9.35 8.56 30.14
N VAL A 483 9.43 8.82 28.83
CA VAL A 483 10.70 8.66 28.12
C VAL A 483 11.80 9.50 28.76
N SER A 484 11.45 10.70 29.18
CA SER A 484 12.46 11.60 29.72
C SER A 484 13.03 11.01 31.00
N GLU A 485 12.15 10.51 31.86
CA GLU A 485 12.55 9.91 33.13
C GLU A 485 13.43 8.69 32.91
N LEU A 486 13.08 7.86 31.93
CA LEU A 486 13.85 6.67 31.63
C LEU A 486 15.26 7.03 31.16
N ARG A 487 15.36 8.12 30.39
CA ARG A 487 16.66 8.60 29.94
C ARG A 487 17.50 9.09 31.10
N GLY A 488 16.87 9.78 32.04
CA GLY A 488 17.57 10.23 33.23
C GLY A 488 18.10 9.07 34.03
N GLN A 489 17.26 8.05 34.22
CA GLN A 489 17.63 6.93 35.08
C GLN A 489 18.85 6.24 34.49
N LEU A 490 18.81 6.02 33.18
CA LEU A 490 19.90 5.36 32.46
C LEU A 490 21.22 6.14 32.50
N LEU A 491 21.19 7.38 33.01
CA LEU A 491 22.40 8.19 33.12
C LEU A 491 22.65 8.66 34.54
N GLU A 492 22.17 7.90 35.51
CA GLU A 492 22.48 8.18 36.89
C GLU A 492 23.87 7.64 37.16
N ALA A 493 24.44 7.95 38.33
CA ALA A 493 25.81 7.54 38.63
C ALA A 493 25.84 6.34 39.56
#